data_3OSD
#
_entry.id   3OSD
#
_cell.length_a   87.420
_cell.length_b   87.420
_cell.length_c   97.182
_cell.angle_alpha   90.000
_cell.angle_beta   90.000
_cell.angle_gamma   90.000
#
_symmetry.space_group_name_H-M   'P 43 21 2'
#
loop_
_entity.id
_entity.type
_entity.pdbx_description
1 polymer 'putative glycosyl hydrolase'
2 non-polymer 'POTASSIUM ION'
3 non-polymer 1,2-ETHANEDIOL
4 water water
#
_entity_poly.entity_id   1
_entity_poly.type   'polypeptide(L)'
_entity_poly.pdbx_seq_one_letter_code
;GGSAQEEQSANEVAVSYSKSLKAAE(MSE)DSLQLPVDADGYITIFDGKTFNGWRGYGKDRVPSKWTIEDGCIKFNGSGG
GEAQDGDGGDLIFAHKFKNFELE(MSE)EWKVSKGGNSGIFYLAQEVTSKDKDGNDVLEPIYISAPEYQVLDNDNHPDAK
LGKDNNRQSASLYD(MSE)IPAVPQNAKPFGEWNKAKI(MSE)VYKGTVVHGQNDENVLEYHLWTKQWTDLLQASKFSQD
KWPLAFELLNNCGGENHEGFIG(MSE)QDHGDDVWFRNIRVKVLD
;
_entity_poly.pdbx_strand_id   A
#
loop_
_chem_comp.id
_chem_comp.type
_chem_comp.name
_chem_comp.formula
EDO non-polymer 1,2-ETHANEDIOL 'C2 H6 O2'
K non-polymer 'POTASSIUM ION' 'K 1'
#
# COMPACT_ATOMS: atom_id res chain seq x y z
N GLY A 2 27.17 14.33 -22.31
CA GLY A 2 26.82 15.70 -22.79
C GLY A 2 26.11 16.55 -21.74
N SER A 3 24.88 16.97 -22.05
CA SER A 3 24.14 17.94 -21.24
C SER A 3 23.60 17.32 -19.95
N ALA A 4 23.29 18.17 -18.96
CA ALA A 4 22.65 17.71 -17.71
C ALA A 4 21.35 16.97 -18.03
N GLN A 5 20.60 17.51 -18.98
CA GLN A 5 19.36 16.90 -19.50
C GLN A 5 19.56 15.47 -20.05
N GLU A 6 20.64 15.24 -20.81
CA GLU A 6 20.94 13.90 -21.36
C GLU A 6 21.40 12.88 -20.28
N GLU A 7 22.16 13.36 -19.29
CA GLU A 7 22.59 12.52 -18.17
C GLU A 7 21.39 12.14 -17.30
N GLN A 8 20.52 13.11 -17.01
CA GLN A 8 19.24 12.85 -16.35
C GLN A 8 18.41 11.77 -17.08
N SER A 9 18.19 11.94 -18.39
CA SER A 9 17.49 10.92 -19.21
C SER A 9 18.15 9.52 -19.15
N ALA A 10 19.48 9.49 -19.01
CA ALA A 10 20.23 8.22 -18.84
C ALA A 10 19.96 7.53 -17.51
N ASN A 11 19.76 8.31 -16.43
CA ASN A 11 19.52 7.81 -15.05
C ASN A 11 18.04 7.75 -14.70
N GLU A 12 17.20 7.55 -15.72
CA GLU A 12 15.74 7.45 -15.63
C GLU A 12 15.28 6.17 -16.33
N VAL A 13 14.17 5.62 -15.87
CA VAL A 13 13.58 4.42 -16.44
CA VAL A 13 13.57 4.43 -16.48
C VAL A 13 12.10 4.67 -16.76
N ALA A 14 11.60 4.04 -17.82
CA ALA A 14 10.20 4.15 -18.22
C ALA A 14 9.35 3.27 -17.32
N VAL A 15 8.38 3.88 -16.67
CA VAL A 15 7.50 3.18 -15.72
C VAL A 15 6.04 3.31 -16.22
N SER A 16 5.46 2.19 -16.59
CA SER A 16 4.10 2.13 -17.10
C SER A 16 3.11 2.43 -15.97
N TYR A 17 1.98 3.01 -16.32
CA TYR A 17 0.92 3.26 -15.35
C TYR A 17 -0.43 3.29 -16.03
N SER A 18 -1.47 3.02 -15.26
CA SER A 18 -2.84 3.04 -15.75
C SER A 18 -3.60 4.26 -15.22
N LYS A 19 -4.61 4.69 -15.96
CA LYS A 19 -5.27 5.97 -15.67
C LYS A 19 -6.66 5.85 -15.04
N SER A 20 -7.23 4.64 -15.05
CA SER A 20 -8.58 4.47 -14.56
C SER A 20 -8.83 3.01 -14.23
N LEU A 21 -10.00 2.74 -13.63
CA LEU A 21 -10.35 1.39 -13.14
C LEU A 21 -10.05 0.26 -14.14
N LYS A 22 -9.18 -0.67 -13.74
CA LYS A 22 -8.79 -1.84 -14.54
C LYS A 22 -8.25 -1.54 -15.95
N ALA A 23 -7.79 -0.32 -16.19
CA ALA A 23 -7.26 0.05 -17.49
C ALA A 23 -5.86 -0.54 -17.71
N ALA A 24 -5.51 -0.76 -18.96
CA ALA A 24 -4.16 -1.17 -19.33
C ALA A 24 -3.14 -0.09 -18.91
N GLU A 25 -1.93 -0.51 -18.56
CA GLU A 25 -0.84 0.46 -18.28
C GLU A 25 -0.20 0.92 -19.60
N MSE A 26 -0.90 1.79 -20.32
CA MSE A 26 -0.56 2.11 -21.70
C MSE A 26 0.08 3.50 -21.86
O MSE A 26 0.11 4.06 -22.97
CB MSE A 26 -1.77 1.99 -22.59
CG MSE A 26 -2.87 2.96 -22.25
SE MSE A 26 -4.28 2.81 -23.60
CE MSE A 26 -5.28 1.77 -22.70
N ASP A 27 0.56 4.05 -20.75
CA ASP A 27 1.35 5.27 -20.77
C ASP A 27 2.50 5.04 -19.79
N SER A 28 3.57 5.81 -19.95
CA SER A 28 4.81 5.68 -19.17
CA SER A 28 4.72 5.67 -19.06
C SER A 28 5.26 7.02 -18.60
N LEU A 29 5.89 6.98 -17.42
CA LEU A 29 6.55 8.15 -16.83
C LEU A 29 8.05 7.85 -16.93
N GLN A 30 8.86 8.88 -17.12
CA GLN A 30 10.30 8.71 -17.00
C GLN A 30 10.65 9.03 -15.56
N LEU A 31 11.05 8.02 -14.79
CA LEU A 31 11.32 8.22 -13.36
C LEU A 31 12.79 7.97 -13.00
N PRO A 32 13.35 8.75 -12.04
CA PRO A 32 14.74 8.57 -11.64
C PRO A 32 14.99 7.24 -10.94
N VAL A 33 16.14 6.64 -11.17
CA VAL A 33 16.58 5.42 -10.47
C VAL A 33 17.91 5.72 -9.83
N ASP A 34 18.17 5.27 -8.59
CA ASP A 34 19.53 5.42 -8.00
C ASP A 34 20.44 4.26 -8.42
N ALA A 35 21.69 4.26 -7.94
CA ALA A 35 22.66 3.24 -8.31
C ALA A 35 22.30 1.85 -7.74
N ASP A 36 21.60 1.85 -6.60
CA ASP A 36 21.06 0.63 -5.95
C ASP A 36 19.82 0.05 -6.67
N GLY A 37 19.25 0.84 -7.57
CA GLY A 37 18.17 0.38 -8.39
C GLY A 37 16.82 0.82 -7.90
N TYR A 38 16.76 1.75 -6.95
CA TYR A 38 15.43 2.22 -6.48
C TYR A 38 14.88 3.31 -7.39
N ILE A 39 13.64 3.09 -7.84
CA ILE A 39 12.93 4.05 -8.64
C ILE A 39 12.18 4.98 -7.67
N THR A 40 12.37 6.29 -7.79
CA THR A 40 11.58 7.23 -6.99
C THR A 40 10.23 7.41 -7.63
N ILE A 41 9.18 6.97 -6.96
CA ILE A 41 7.86 6.93 -7.56
C ILE A 41 6.98 8.12 -7.16
N PHE A 42 7.40 8.84 -6.13
CA PHE A 42 6.78 10.12 -5.76
C PHE A 42 7.85 11.19 -5.83
N ASP A 43 7.57 12.21 -6.65
CA ASP A 43 8.55 13.21 -7.00
C ASP A 43 8.56 14.42 -6.07
N GLY A 44 7.72 14.42 -5.04
CA GLY A 44 7.69 15.52 -4.07
C GLY A 44 6.78 16.68 -4.45
N LYS A 45 6.26 16.67 -5.68
CA LYS A 45 5.56 17.79 -6.27
C LYS A 45 4.24 17.46 -7.00
N THR A 46 4.14 16.27 -7.60
CA THR A 46 2.98 15.92 -8.43
C THR A 46 2.44 14.55 -8.03
N PHE A 47 1.24 14.23 -8.52
CA PHE A 47 0.66 12.91 -8.36
C PHE A 47 0.81 12.10 -9.65
N ASN A 48 1.84 12.37 -10.44
CA ASN A 48 2.00 11.64 -11.70
C ASN A 48 2.06 10.13 -11.46
N GLY A 49 1.15 9.39 -12.08
CA GLY A 49 1.07 7.94 -11.92
C GLY A 49 0.20 7.47 -10.77
N TRP A 50 -0.17 8.40 -9.90
CA TRP A 50 -1.01 8.10 -8.73
C TRP A 50 -2.48 8.44 -9.01
N ARG A 51 -3.42 7.68 -8.44
CA ARG A 51 -4.84 7.99 -8.57
C ARG A 51 -5.58 7.26 -7.45
N GLY A 52 -6.80 7.66 -7.15
CA GLY A 52 -7.64 6.92 -6.23
C GLY A 52 -7.81 5.51 -6.73
N TYR A 53 -7.73 4.56 -5.80
CA TYR A 53 -8.14 3.19 -6.06
C TYR A 53 -9.53 3.18 -6.67
N GLY A 54 -9.67 2.60 -7.86
CA GLY A 54 -10.95 2.55 -8.55
C GLY A 54 -11.35 3.79 -9.34
N LYS A 55 -10.50 4.82 -9.32
CA LYS A 55 -10.84 6.14 -9.85
CA LYS A 55 -10.89 6.11 -9.89
C LYS A 55 -9.94 6.52 -10.99
N ASP A 56 -10.34 7.57 -11.71
CA ASP A 56 -9.55 8.12 -12.81
C ASP A 56 -8.91 9.48 -12.45
N ARG A 57 -8.82 9.72 -11.13
CA ARG A 57 -8.36 10.99 -10.60
CA ARG A 57 -8.33 10.98 -10.62
C ARG A 57 -7.89 10.79 -9.17
N VAL A 58 -7.22 11.79 -8.64
CA VAL A 58 -6.78 11.80 -7.24
C VAL A 58 -7.87 12.43 -6.41
N PRO A 59 -8.37 11.75 -5.36
CA PRO A 59 -9.37 12.39 -4.53
C PRO A 59 -8.82 13.64 -3.85
N SER A 60 -9.63 14.69 -3.69
CA SER A 60 -9.12 15.97 -3.22
C SER A 60 -8.70 15.95 -1.74
N LYS A 61 -9.07 14.91 -1.01
CA LYS A 61 -8.55 14.72 0.33
C LYS A 61 -7.08 14.31 0.40
N TRP A 62 -6.52 13.87 -0.73
CA TRP A 62 -5.09 13.62 -0.85
C TRP A 62 -4.45 14.88 -1.47
N THR A 63 -3.48 15.45 -0.76
CA THR A 63 -2.77 16.63 -1.20
C THR A 63 -1.26 16.42 -1.16
N ILE A 64 -0.55 17.37 -1.76
CA ILE A 64 0.89 17.42 -1.64
C ILE A 64 1.26 18.64 -0.82
N GLU A 65 2.13 18.41 0.16
CA GLU A 65 2.48 19.41 1.15
C GLU A 65 3.91 19.13 1.59
N ASP A 66 4.79 20.12 1.45
CA ASP A 66 6.15 20.05 1.96
C ASP A 66 6.88 18.82 1.49
N GLY A 67 6.70 18.48 0.23
CA GLY A 67 7.39 17.32 -0.34
C GLY A 67 6.80 15.99 0.12
N CYS A 68 5.57 16.01 0.65
CA CYS A 68 4.88 14.81 1.12
C CYS A 68 3.53 14.60 0.44
N ILE A 69 3.12 13.35 0.32
CA ILE A 69 1.73 13.05 0.06
C ILE A 69 1.03 13.08 1.44
N LYS A 70 -0.03 13.87 1.52
CA LYS A 70 -0.83 13.98 2.76
C LYS A 70 -2.26 13.53 2.52
N PHE A 71 -2.78 12.73 3.45
CA PHE A 71 -4.21 12.51 3.51
C PHE A 71 -4.79 13.43 4.58
N ASN A 72 -5.87 14.12 4.22
CA ASN A 72 -6.54 15.09 5.08
C ASN A 72 -7.83 14.45 5.60
N GLY A 73 -7.82 13.99 6.84
CA GLY A 73 -8.92 13.19 7.34
C GLY A 73 -9.96 13.98 8.11
N SER A 74 -11.18 13.46 8.10
CA SER A 74 -12.32 14.05 8.82
CA SER A 74 -12.31 14.05 8.83
C SER A 74 -12.64 13.28 10.11
N GLY A 75 -11.94 12.19 10.38
CA GLY A 75 -12.14 11.47 11.67
C GLY A 75 -13.16 10.33 11.67
N GLY A 76 -13.53 9.82 10.50
CA GLY A 76 -14.61 8.83 10.41
C GLY A 76 -14.15 7.39 10.21
N GLY A 77 -12.86 7.13 10.46
CA GLY A 77 -12.29 5.79 10.42
C GLY A 77 -12.41 5.15 9.04
N GLU A 78 -13.11 4.02 8.97
CA GLU A 78 -13.35 3.33 7.69
C GLU A 78 -14.42 3.96 6.81
N ALA A 79 -15.12 4.99 7.29
CA ALA A 79 -16.23 5.61 6.56
C ALA A 79 -15.85 6.04 5.12
N GLN A 80 -14.63 6.58 4.95
CA GLN A 80 -14.21 7.19 3.66
C GLN A 80 -15.25 8.18 3.13
N ASP A 81 -15.75 9.02 4.01
CA ASP A 81 -16.67 10.10 3.61
C ASP A 81 -15.96 11.20 2.81
N GLY A 82 -16.77 12.04 2.17
CA GLY A 82 -16.26 13.13 1.36
C GLY A 82 -15.50 12.60 0.17
N ASP A 83 -14.57 13.40 -0.33
CA ASP A 83 -13.82 13.04 -1.52
C ASP A 83 -12.53 12.35 -1.11
N GLY A 84 -12.68 11.10 -0.63
CA GLY A 84 -11.59 10.34 -0.06
C GLY A 84 -11.39 9.05 -0.81
N GLY A 85 -11.06 8.01 -0.08
CA GLY A 85 -10.76 6.72 -0.70
C GLY A 85 -9.25 6.46 -0.68
N ASP A 86 -8.88 5.19 -0.84
CA ASP A 86 -7.51 4.78 -0.85
C ASP A 86 -6.81 5.25 -2.14
N LEU A 87 -5.51 5.50 -2.03
CA LEU A 87 -4.69 6.00 -3.14
C LEU A 87 -3.77 4.90 -3.61
N ILE A 88 -3.62 4.74 -4.93
CA ILE A 88 -2.63 3.81 -5.50
C ILE A 88 -1.64 4.49 -6.43
N PHE A 89 -0.43 3.95 -6.47
CA PHE A 89 0.50 4.18 -7.55
C PHE A 89 0.20 3.14 -8.59
N ALA A 90 -0.29 3.58 -9.74
CA ALA A 90 -0.97 2.67 -10.70
C ALA A 90 -0.03 1.90 -11.63
N HIS A 91 0.96 1.26 -11.02
CA HIS A 91 1.93 0.42 -11.72
C HIS A 91 1.99 -0.88 -10.93
N LYS A 92 1.64 -1.97 -11.56
CA LYS A 92 1.71 -3.29 -10.87
C LYS A 92 3.16 -3.74 -10.71
N PHE A 93 3.52 -4.06 -9.47
CA PHE A 93 4.82 -4.67 -9.17
C PHE A 93 4.59 -6.12 -8.79
N LYS A 94 5.63 -6.92 -8.99
CA LYS A 94 5.57 -8.36 -8.71
CA LYS A 94 5.56 -8.36 -8.67
C LYS A 94 6.61 -8.70 -7.61
N ASN A 95 7.88 -8.73 -8.00
CA ASN A 95 9.00 -8.90 -7.06
C ASN A 95 9.63 -7.52 -6.90
N PHE A 96 9.62 -7.00 -5.69
CA PHE A 96 10.00 -5.63 -5.46
C PHE A 96 10.39 -5.38 -4.01
N GLU A 97 11.12 -4.30 -3.78
CA GLU A 97 11.30 -3.81 -2.44
C GLU A 97 10.94 -2.34 -2.40
N LEU A 98 9.94 -2.05 -1.60
CA LEU A 98 9.45 -0.70 -1.39
C LEU A 98 10.02 -0.13 -0.11
N GLU A 99 10.50 1.10 -0.16
CA GLU A 99 10.80 1.85 1.07
CA GLU A 99 10.87 1.88 1.05
C GLU A 99 10.12 3.21 1.00
N MSE A 100 9.56 3.64 2.14
CA MSE A 100 8.93 4.93 2.25
CA MSE A 100 8.88 4.94 2.25
C MSE A 100 8.92 5.32 3.72
O MSE A 100 9.14 4.48 4.59
CB MSE A 100 7.52 4.90 1.71
CB MSE A 100 7.45 4.98 1.65
CG MSE A 100 6.74 3.62 2.05
CG MSE A 100 6.21 4.63 2.57
SE MSE A 100 5.08 3.78 1.16
SE MSE A 100 4.42 4.95 1.76
CE MSE A 100 4.48 5.30 2.15
CE MSE A 100 4.43 3.61 0.38
N GLU A 101 8.72 6.59 3.97
CA GLU A 101 8.56 7.07 5.33
CA GLU A 101 8.59 7.13 5.32
C GLU A 101 7.15 7.58 5.54
N TRP A 102 6.69 7.49 6.77
CA TRP A 102 5.35 7.91 7.17
C TRP A 102 5.38 8.57 8.53
N LYS A 103 4.46 9.49 8.73
CA LYS A 103 4.26 10.18 10.00
C LYS A 103 2.76 10.30 10.24
N VAL A 104 2.30 9.94 11.43
CA VAL A 104 0.90 10.13 11.79
C VAL A 104 0.70 11.24 12.79
N SER A 105 -0.51 11.79 12.72
CA SER A 105 -1.13 12.61 13.74
C SER A 105 -1.31 11.81 15.04
N LYS A 106 -1.42 12.51 16.16
CA LYS A 106 -1.74 11.85 17.42
C LYS A 106 -3.06 11.08 17.26
N GLY A 107 -3.04 9.80 17.59
CA GLY A 107 -4.25 8.96 17.50
C GLY A 107 -4.59 8.52 16.09
N GLY A 108 -3.66 8.68 15.16
CA GLY A 108 -3.93 8.45 13.76
C GLY A 108 -3.68 7.05 13.29
N ASN A 109 -4.27 6.73 12.15
CA ASN A 109 -4.35 5.37 11.62
C ASN A 109 -4.36 5.53 10.11
N SER A 110 -3.48 4.78 9.44
CA SER A 110 -3.50 4.65 7.96
C SER A 110 -2.93 3.28 7.63
N GLY A 111 -2.33 3.10 6.47
CA GLY A 111 -1.80 1.80 6.11
C GLY A 111 -1.11 1.89 4.78
N ILE A 112 -0.22 0.95 4.51
CA ILE A 112 0.43 0.83 3.21
C ILE A 112 -0.04 -0.49 2.64
N PHE A 113 -0.66 -0.45 1.48
CA PHE A 113 -1.18 -1.63 0.83
C PHE A 113 -0.19 -2.06 -0.24
N TYR A 114 -0.15 -3.36 -0.48
CA TYR A 114 0.63 -3.88 -1.60
C TYR A 114 -0.03 -5.09 -2.27
N LEU A 115 0.48 -5.41 -3.46
CA LEU A 115 -0.12 -6.42 -4.32
C LEU A 115 -1.63 -6.23 -4.57
N ALA A 116 -2.08 -4.97 -4.54
CA ALA A 116 -3.50 -4.62 -4.68
C ALA A 116 -4.02 -4.88 -6.07
N GLN A 117 -5.23 -5.41 -6.13
CA GLN A 117 -5.97 -5.49 -7.40
C GLN A 117 -7.20 -4.58 -7.33
N GLU A 118 -7.55 -3.95 -8.46
CA GLU A 118 -8.83 -3.27 -8.59
C GLU A 118 -9.89 -4.31 -8.88
N VAL A 119 -10.77 -4.50 -7.90
CA VAL A 119 -11.81 -5.53 -7.98
C VAL A 119 -13.24 -4.96 -7.93
N THR A 120 -14.10 -5.46 -8.83
CA THR A 120 -15.53 -5.19 -8.80
C THR A 120 -16.29 -6.51 -8.65
N SER A 121 -17.54 -6.42 -8.19
CA SER A 121 -18.43 -7.55 -8.15
C SER A 121 -19.77 -7.09 -8.69
N LYS A 122 -20.64 -8.05 -9.03
CA LYS A 122 -21.98 -7.74 -9.56
C LYS A 122 -22.96 -7.59 -8.41
N ASP A 123 -23.74 -6.50 -8.42
CA ASP A 123 -24.81 -6.33 -7.43
C ASP A 123 -26.01 -7.14 -7.91
N LYS A 124 -27.13 -7.05 -7.19
CA LYS A 124 -28.35 -7.78 -7.54
C LYS A 124 -28.94 -7.42 -8.92
N ASP A 125 -28.56 -6.27 -9.47
CA ASP A 125 -29.06 -5.81 -10.80
C ASP A 125 -28.04 -5.94 -11.96
N GLY A 126 -26.94 -6.66 -11.75
CA GLY A 126 -25.91 -6.82 -12.78
C GLY A 126 -24.94 -5.64 -12.95
N ASN A 127 -25.01 -4.64 -12.07
CA ASN A 127 -24.11 -3.50 -12.15
C ASN A 127 -22.82 -3.82 -11.40
N ASP A 128 -21.71 -3.27 -11.87
CA ASP A 128 -20.42 -3.46 -11.23
C ASP A 128 -20.36 -2.58 -9.98
N VAL A 129 -19.84 -3.14 -8.90
CA VAL A 129 -19.66 -2.42 -7.64
CA VAL A 129 -19.62 -2.36 -7.69
C VAL A 129 -18.19 -2.56 -7.25
N LEU A 130 -17.56 -1.45 -6.87
CA LEU A 130 -16.17 -1.45 -6.44
C LEU A 130 -16.02 -2.09 -5.08
N GLU A 131 -15.17 -3.12 -5.00
CA GLU A 131 -14.84 -3.77 -3.73
C GLU A 131 -13.62 -3.09 -3.09
N PRO A 132 -13.54 -3.10 -1.75
CA PRO A 132 -12.43 -2.48 -1.04
C PRO A 132 -11.06 -3.00 -1.46
N ILE A 133 -10.08 -2.10 -1.47
CA ILE A 133 -8.69 -2.48 -1.73
C ILE A 133 -8.20 -3.58 -0.81
N TYR A 134 -8.65 -3.56 0.43
CA TYR A 134 -8.17 -4.49 1.42
C TYR A 134 -8.68 -5.94 1.26
N ILE A 135 -9.67 -6.22 0.42
CA ILE A 135 -9.99 -7.63 0.17
C ILE A 135 -9.02 -8.33 -0.79
N SER A 136 -8.14 -7.56 -1.42
CA SER A 136 -7.07 -8.14 -2.26
C SER A 136 -5.63 -7.85 -1.78
N ALA A 137 -5.45 -6.75 -1.05
CA ALA A 137 -4.13 -6.23 -0.75
C ALA A 137 -3.76 -6.39 0.71
N PRO A 138 -2.68 -7.14 0.98
CA PRO A 138 -2.11 -7.15 2.33
C PRO A 138 -1.84 -5.75 2.85
N GLU A 139 -2.05 -5.57 4.14
CA GLU A 139 -1.96 -4.24 4.75
C GLU A 139 -0.83 -4.16 5.76
N TYR A 140 0.13 -3.27 5.52
CA TYR A 140 1.15 -2.89 6.47
C TYR A 140 0.58 -1.77 7.33
N GLN A 141 0.40 -2.04 8.62
CA GLN A 141 -0.28 -1.11 9.50
C GLN A 141 0.51 0.21 9.71
N VAL A 142 -0.22 1.32 9.68
CA VAL A 142 0.36 2.62 10.06
C VAL A 142 -0.49 3.15 11.18
N LEU A 143 0.12 3.44 12.32
CA LEU A 143 -0.63 3.74 13.54
C LEU A 143 0.19 4.53 14.57
N ASP A 144 -0.50 5.37 15.33
CA ASP A 144 -0.02 5.86 16.60
C ASP A 144 -0.29 4.76 17.63
N ASN A 145 0.75 3.98 17.93
CA ASN A 145 0.62 2.79 18.75
C ASN A 145 0.32 3.12 20.19
N ASP A 146 0.60 4.36 20.62
CA ASP A 146 0.36 4.78 21.99
C ASP A 146 -1.04 5.36 22.26
N ASN A 147 -1.74 5.84 21.23
CA ASN A 147 -3.03 6.49 21.41
C ASN A 147 -4.23 5.96 20.64
N HIS A 148 -4.03 5.37 19.47
CA HIS A 148 -5.18 4.80 18.75
C HIS A 148 -5.58 3.50 19.48
N PRO A 149 -6.86 3.36 19.87
CA PRO A 149 -7.21 2.17 20.62
C PRO A 149 -7.04 0.86 19.89
N ASP A 150 -7.01 0.86 18.57
CA ASP A 150 -6.74 -0.38 17.84
C ASP A 150 -5.39 -1.06 18.25
N ALA A 151 -4.43 -0.25 18.71
CA ALA A 151 -3.16 -0.77 19.20
C ALA A 151 -3.34 -1.83 20.25
N LYS A 152 -4.43 -1.74 21.03
CA LYS A 152 -4.70 -2.66 22.13
C LYS A 152 -5.59 -3.84 21.74
N LEU A 153 -6.06 -3.84 20.51
CA LEU A 153 -6.97 -4.85 20.01
C LEU A 153 -6.20 -5.94 19.22
N GLY A 154 -6.93 -6.89 18.65
CA GLY A 154 -6.29 -8.04 18.02
C GLY A 154 -5.59 -8.93 19.02
N LYS A 155 -4.49 -9.53 18.57
CA LYS A 155 -3.77 -10.54 19.34
C LYS A 155 -2.27 -10.24 19.25
N ASP A 156 -1.58 -10.24 20.39
CA ASP A 156 -0.11 -10.07 20.44
C ASP A 156 0.38 -8.82 19.71
N ASN A 157 -0.40 -7.75 19.86
CA ASN A 157 -0.10 -6.48 19.25
C ASN A 157 0.01 -6.54 17.72
N ASN A 158 -0.76 -7.42 17.11
CA ASN A 158 -0.78 -7.53 15.64
C ASN A 158 -1.58 -6.46 14.91
N ARG A 159 -2.03 -5.43 15.62
CA ARG A 159 -2.63 -4.27 14.97
C ARG A 159 -1.81 -3.00 15.18
N GLN A 160 -0.58 -3.17 15.64
CA GLN A 160 0.34 -2.05 15.79
C GLN A 160 1.18 -1.86 14.53
N SER A 161 1.82 -0.70 14.40
CA SER A 161 2.43 -0.28 13.12
C SER A 161 3.40 -1.34 12.61
N ALA A 162 3.43 -1.50 11.30
CA ALA A 162 4.30 -2.44 10.55
C ALA A 162 3.86 -3.89 10.68
N SER A 163 2.84 -4.16 11.47
CA SER A 163 2.20 -5.49 11.45
C SER A 163 1.56 -5.79 10.10
N LEU A 164 1.40 -7.08 9.77
CA LEU A 164 0.42 -7.47 8.75
C LEU A 164 -0.90 -7.43 9.52
N TYR A 165 -1.70 -6.41 9.19
CA TYR A 165 -2.79 -5.96 10.04
C TYR A 165 -3.69 -7.11 10.51
N ASP A 166 -3.76 -7.29 11.82
CA ASP A 166 -4.63 -8.30 12.50
C ASP A 166 -4.25 -9.73 12.21
N MSE A 167 -3.05 -9.92 11.66
CA MSE A 167 -2.59 -11.25 11.32
C MSE A 167 -1.22 -11.65 11.87
O MSE A 167 -1.07 -12.72 12.41
CB MSE A 167 -2.67 -11.44 9.82
CG MSE A 167 -4.12 -11.56 9.38
SE MSE A 167 -4.20 -12.17 7.54
CE MSE A 167 -4.18 -10.64 6.96
N ILE A 168 -0.22 -10.78 11.73
CA ILE A 168 1.11 -11.08 12.19
C ILE A 168 1.70 -9.80 12.78
N PRO A 169 2.15 -9.86 14.04
CA PRO A 169 2.67 -8.64 14.66
C PRO A 169 4.09 -8.29 14.23
N ALA A 170 4.36 -7.00 14.17
CA ALA A 170 5.71 -6.49 14.09
C ALA A 170 6.44 -6.79 15.40
N VAL A 171 7.54 -7.53 15.29
CA VAL A 171 8.46 -7.79 16.40
C VAL A 171 9.89 -7.59 15.88
N PRO A 172 10.63 -6.62 16.44
CA PRO A 172 10.34 -5.72 17.55
C PRO A 172 9.37 -4.62 17.16
N GLN A 173 8.64 -4.07 18.12
CA GLN A 173 7.77 -2.95 17.84
C GLN A 173 8.56 -1.71 18.13
N ASN A 174 9.31 -1.27 17.12
CA ASN A 174 10.29 -0.20 17.26
C ASN A 174 9.82 1.12 16.64
N ALA A 175 8.51 1.33 16.59
CA ALA A 175 7.97 2.60 16.08
C ALA A 175 8.46 3.78 16.92
N LYS A 176 8.71 4.89 16.24
CA LYS A 176 8.85 6.17 16.88
C LYS A 176 7.46 6.78 17.14
N PRO A 177 7.36 7.69 18.09
CA PRO A 177 6.02 8.16 18.43
C PRO A 177 5.38 9.12 17.43
N PHE A 178 4.11 9.46 17.69
CA PHE A 178 3.37 10.31 16.77
C PHE A 178 4.11 11.58 16.45
N GLY A 179 4.02 12.02 15.19
CA GLY A 179 4.64 13.27 14.80
C GLY A 179 6.10 13.12 14.37
N GLU A 180 6.63 11.90 14.47
CA GLU A 180 7.98 11.60 14.03
C GLU A 180 7.93 10.72 12.82
N TRP A 181 8.92 10.84 11.94
CA TRP A 181 9.01 9.99 10.76
C TRP A 181 9.46 8.57 11.10
N ASN A 182 8.73 7.59 10.56
CA ASN A 182 9.08 6.18 10.63
C ASN A 182 9.38 5.68 9.22
N LYS A 183 10.32 4.75 9.11
CA LYS A 183 10.74 4.19 7.83
C LYS A 183 10.08 2.84 7.67
N ALA A 184 9.38 2.64 6.55
CA ALA A 184 8.72 1.37 6.21
C ALA A 184 9.47 0.70 5.08
N LYS A 185 9.55 -0.62 5.15
CA LYS A 185 10.09 -1.45 4.07
C LYS A 185 9.10 -2.58 3.86
N ILE A 186 8.77 -2.83 2.60
CA ILE A 186 7.96 -4.00 2.26
C ILE A 186 8.71 -4.67 1.12
N MSE A 187 9.14 -5.91 1.33
CA MSE A 187 9.79 -6.70 0.26
C MSE A 187 8.92 -7.90 -0.07
O MSE A 187 8.46 -8.59 0.83
CB MSE A 187 11.16 -7.22 0.67
CG MSE A 187 11.86 -7.87 -0.49
SE MSE A 187 13.10 -9.17 0.07
CE MSE A 187 11.89 -10.52 0.75
N VAL A 188 8.67 -8.08 -1.36
CA VAL A 188 8.03 -9.30 -1.87
C VAL A 188 8.99 -9.89 -2.88
N TYR A 189 9.43 -11.11 -2.64
CA TYR A 189 10.36 -11.78 -3.54
C TYR A 189 9.97 -13.25 -3.62
N LYS A 190 9.41 -13.61 -4.76
CA LYS A 190 9.03 -15.00 -5.05
C LYS A 190 8.17 -15.55 -3.93
N GLY A 191 7.20 -14.76 -3.52
CA GLY A 191 6.27 -15.15 -2.47
C GLY A 191 6.73 -14.93 -1.04
N THR A 192 8.01 -14.68 -0.82
CA THR A 192 8.48 -14.34 0.53
C THR A 192 8.21 -12.87 0.74
N VAL A 193 7.56 -12.53 1.85
CA VAL A 193 7.24 -11.14 2.18
C VAL A 193 7.93 -10.79 3.50
N VAL A 194 8.63 -9.66 3.52
CA VAL A 194 9.24 -9.16 4.75
C VAL A 194 8.77 -7.73 4.95
N HIS A 195 8.33 -7.39 6.17
CA HIS A 195 8.10 -6.00 6.56
C HIS A 195 9.31 -5.56 7.36
N GLY A 196 9.70 -4.32 7.16
CA GLY A 196 10.67 -3.67 7.98
C GLY A 196 10.11 -2.38 8.55
N GLN A 197 10.67 -1.99 9.68
CA GLN A 197 10.37 -0.70 10.29
C GLN A 197 11.63 -0.14 10.90
N ASN A 198 11.93 1.13 10.65
CA ASN A 198 13.08 1.78 11.24
C ASN A 198 14.35 0.93 11.20
N ASP A 199 14.62 0.44 9.99
CA ASP A 199 15.86 -0.28 9.64
C ASP A 199 16.02 -1.63 10.35
N GLU A 200 14.90 -2.19 10.83
CA GLU A 200 14.88 -3.56 11.33
CA GLU A 200 14.89 -3.57 11.30
C GLU A 200 13.78 -4.35 10.63
N ASN A 201 14.03 -5.63 10.36
CA ASN A 201 13.00 -6.52 9.82
C ASN A 201 12.10 -6.92 11.01
N VAL A 202 10.80 -6.82 10.85
CA VAL A 202 9.88 -7.03 11.96
C VAL A 202 8.89 -8.18 11.77
N LEU A 203 8.79 -8.72 10.56
CA LEU A 203 8.08 -9.99 10.32
C LEU A 203 8.39 -10.54 8.94
N GLU A 204 8.07 -11.82 8.76
CA GLU A 204 8.27 -12.55 7.52
C GLU A 204 7.11 -13.52 7.32
N TYR A 205 6.64 -13.64 6.09
CA TYR A 205 5.65 -14.67 5.78
C TYR A 205 5.73 -15.10 4.33
N HIS A 206 4.99 -16.13 3.94
CA HIS A 206 5.14 -16.73 2.62
C HIS A 206 3.80 -16.89 1.96
N LEU A 207 3.60 -16.22 0.83
CA LEU A 207 2.34 -16.27 0.12
C LEU A 207 2.11 -17.62 -0.54
N TRP A 208 0.83 -17.97 -0.73
CA TRP A 208 0.41 -19.09 -1.56
C TRP A 208 0.80 -20.46 -0.97
N THR A 209 0.94 -20.51 0.35
CA THR A 209 1.27 -21.73 1.08
C THR A 209 0.08 -22.16 1.95
N LYS A 210 0.18 -23.34 2.55
CA LYS A 210 -0.82 -23.82 3.52
C LYS A 210 -0.86 -22.89 4.70
N GLN A 211 0.31 -22.42 5.14
CA GLN A 211 0.41 -21.53 6.28
CA GLN A 211 0.35 -21.55 6.33
C GLN A 211 -0.31 -20.22 6.02
N TRP A 212 -0.21 -19.74 4.78
CA TRP A 212 -0.91 -18.51 4.37
C TRP A 212 -2.44 -18.74 4.35
N THR A 213 -2.86 -19.83 3.76
CA THR A 213 -4.28 -20.22 3.79
C THR A 213 -4.77 -20.29 5.25
N ASP A 214 -4.04 -20.97 6.12
CA ASP A 214 -4.47 -21.10 7.51
C ASP A 214 -4.59 -19.76 8.19
N LEU A 215 -3.69 -18.83 7.87
CA LEU A 215 -3.74 -17.52 8.46
C LEU A 215 -5.02 -16.81 8.02
N LEU A 216 -5.34 -16.90 6.71
CA LEU A 216 -6.54 -16.27 6.19
C LEU A 216 -7.80 -16.92 6.81
N GLN A 217 -7.77 -18.24 6.99
CA GLN A 217 -8.93 -18.96 7.59
C GLN A 217 -9.16 -18.54 9.05
N ALA A 218 -8.14 -17.98 9.69
CA ALA A 218 -8.27 -17.47 11.06
C ALA A 218 -8.61 -16.00 11.13
N SER A 219 -8.76 -15.36 9.97
CA SER A 219 -8.92 -13.90 9.86
C SER A 219 -10.36 -13.53 9.55
N LYS A 220 -10.62 -12.22 9.46
CA LYS A 220 -11.94 -11.76 9.03
C LYS A 220 -12.18 -12.01 7.53
N PHE A 221 -11.13 -12.42 6.80
CA PHE A 221 -11.23 -12.73 5.38
C PHE A 221 -11.27 -14.23 5.15
N SER A 222 -11.80 -14.97 6.10
CA SER A 222 -11.90 -16.43 5.96
C SER A 222 -12.88 -16.79 4.85
N GLN A 223 -12.75 -17.99 4.34
CA GLN A 223 -13.62 -18.48 3.31
C GLN A 223 -15.10 -18.41 3.76
N ASP A 224 -15.37 -18.73 5.02
CA ASP A 224 -16.73 -18.70 5.59
CA ASP A 224 -16.74 -18.71 5.57
C ASP A 224 -17.27 -17.28 5.75
N LYS A 225 -16.41 -16.37 6.19
CA LYS A 225 -16.87 -15.01 6.50
C LYS A 225 -16.94 -14.09 5.28
N TRP A 226 -16.01 -14.28 4.34
CA TRP A 226 -15.88 -13.37 3.23
C TRP A 226 -15.26 -14.10 2.02
N PRO A 227 -16.04 -14.96 1.35
CA PRO A 227 -15.54 -15.82 0.27
C PRO A 227 -14.75 -15.10 -0.80
N LEU A 228 -15.21 -13.95 -1.27
CA LEU A 228 -14.49 -13.21 -2.29
C LEU A 228 -13.10 -12.76 -1.79
N ALA A 229 -13.03 -12.21 -0.58
CA ALA A 229 -11.75 -11.80 -0.02
C ALA A 229 -10.82 -13.00 0.11
N PHE A 230 -11.36 -14.09 0.63
CA PHE A 230 -10.55 -15.30 0.79
C PHE A 230 -9.97 -15.70 -0.58
N GLU A 231 -10.82 -15.76 -1.61
CA GLU A 231 -10.36 -16.18 -2.92
C GLU A 231 -9.22 -15.26 -3.40
N LEU A 232 -9.41 -13.96 -3.28
CA LEU A 232 -8.44 -13.01 -3.77
C LEU A 232 -7.10 -13.08 -3.00
N LEU A 233 -7.18 -13.04 -1.68
CA LEU A 233 -5.99 -13.07 -0.83
C LEU A 233 -5.27 -14.41 -0.84
N ASN A 234 -6.04 -15.49 -0.88
CA ASN A 234 -5.43 -16.82 -0.95
C ASN A 234 -4.55 -16.96 -2.19
N ASN A 235 -4.94 -16.35 -3.32
CA ASN A 235 -4.09 -16.26 -4.50
C ASN A 235 -3.62 -14.83 -4.75
N CYS A 236 -3.07 -14.25 -3.69
CA CYS A 236 -2.70 -12.85 -3.65
C CYS A 236 -1.96 -12.43 -4.89
N GLY A 237 -2.42 -11.34 -5.48
CA GLY A 237 -1.84 -10.85 -6.72
C GLY A 237 -2.48 -11.36 -8.00
N GLY A 238 -3.48 -12.24 -7.87
CA GLY A 238 -4.19 -12.74 -9.05
C GLY A 238 -3.33 -13.70 -9.85
N GLU A 239 -3.73 -13.95 -11.10
CA GLU A 239 -3.07 -14.98 -11.90
CA GLU A 239 -3.07 -14.99 -11.88
C GLU A 239 -1.58 -14.69 -12.09
N ASN A 240 -1.23 -13.42 -12.21
CA ASN A 240 0.18 -13.04 -12.42
C ASN A 240 0.94 -12.68 -11.13
N HIS A 241 0.30 -12.83 -9.98
CA HIS A 241 0.93 -12.58 -8.68
C HIS A 241 1.60 -11.19 -8.61
N GLU A 242 0.83 -10.15 -8.92
CA GLU A 242 1.34 -8.79 -8.95
C GLU A 242 0.22 -7.84 -8.56
N GLY A 243 0.60 -6.62 -8.22
CA GLY A 243 -0.36 -5.58 -7.96
C GLY A 243 0.24 -4.26 -7.53
N PHE A 244 -0.66 -3.37 -7.11
CA PHE A 244 -0.31 -2.00 -6.81
C PHE A 244 0.13 -1.82 -5.38
N ILE A 245 0.99 -0.85 -5.18
CA ILE A 245 1.26 -0.26 -3.85
C ILE A 245 0.30 0.90 -3.66
N GLY A 246 -0.16 1.10 -2.42
CA GLY A 246 -0.99 2.26 -2.16
C GLY A 246 -1.00 2.60 -0.70
N MSE A 247 -1.83 3.58 -0.35
CA MSE A 247 -1.98 4.02 1.02
C MSE A 247 -3.45 4.25 1.39
O MSE A 247 -4.31 4.49 0.52
CB MSE A 247 -1.15 5.26 1.30
CG MSE A 247 0.34 5.02 1.23
SE MSE A 247 1.14 5.26 -0.51
CE MSE A 247 1.18 7.20 -0.59
N GLN A 248 -3.72 4.14 2.68
CA GLN A 248 -5.07 4.01 3.17
C GLN A 248 -5.73 5.31 3.65
N ASP A 249 -6.95 5.52 3.18
CA ASP A 249 -7.88 6.45 3.83
C ASP A 249 -8.52 5.70 4.99
N HIS A 250 -8.04 5.99 6.21
CA HIS A 250 -8.71 5.56 7.44
C HIS A 250 -9.12 6.79 8.23
N GLY A 251 -9.45 7.85 7.50
CA GLY A 251 -10.04 9.06 8.09
C GLY A 251 -9.13 9.99 8.88
N ASP A 252 -7.85 9.69 8.98
CA ASP A 252 -6.92 10.46 9.78
C ASP A 252 -5.79 11.08 8.95
N ASP A 253 -5.38 12.28 9.38
CA ASP A 253 -4.20 12.95 8.80
C ASP A 253 -2.97 12.04 8.86
N VAL A 254 -2.29 11.93 7.74
CA VAL A 254 -1.05 11.15 7.66
C VAL A 254 -0.23 11.72 6.50
N TRP A 255 1.09 11.62 6.64
CA TRP A 255 2.03 12.13 5.65
C TRP A 255 2.97 10.99 5.19
N PHE A 256 3.32 10.97 3.92
CA PHE A 256 4.21 9.97 3.36
C PHE A 256 5.28 10.67 2.51
N ARG A 257 6.51 10.20 2.55
CA ARG A 257 7.57 10.80 1.73
C ARG A 257 8.62 9.76 1.38
N ASN A 258 9.53 10.16 0.50
CA ASN A 258 10.69 9.36 0.11
C ASN A 258 10.28 7.98 -0.35
N ILE A 259 9.39 7.95 -1.33
CA ILE A 259 8.71 6.72 -1.74
C ILE A 259 9.45 6.16 -2.92
N ARG A 260 10.06 4.99 -2.75
CA ARG A 260 10.93 4.43 -3.75
C ARG A 260 10.80 2.93 -3.80
N VAL A 261 10.98 2.37 -5.00
CA VAL A 261 10.74 0.94 -5.24
C VAL A 261 11.82 0.37 -6.12
N LYS A 262 12.46 -0.70 -5.65
CA LYS A 262 13.43 -1.43 -6.43
C LYS A 262 12.77 -2.68 -7.00
N VAL A 263 12.87 -2.87 -8.31
CA VAL A 263 12.37 -4.07 -8.95
C VAL A 263 13.39 -5.18 -8.78
N LEU A 264 12.94 -6.33 -8.25
CA LEU A 264 13.84 -7.45 -7.92
C LEU A 264 13.63 -8.52 -9.01
N ASP A 265 14.66 -9.22 -9.40
CA ASP A 265 14.37 -10.33 -10.33
C ASP A 265 15.01 -11.66 -9.87
K K B . -2.47 11.64 -11.36
K K C . -4.88 0.82 9.06
C1 EDO D . -8.98 13.39 11.87
O1 EDO D . -8.84 12.36 12.85
C2 EDO D . -7.74 14.26 11.81
O2 EDO D . -6.53 13.49 11.72
C1 EDO E . -9.50 -3.61 7.13
O1 EDO E . -8.68 -4.76 7.37
C2 EDO E . -8.72 -2.49 6.47
O2 EDO E . -7.81 -1.91 7.41
C1 EDO F . 11.22 -9.10 -12.13
O1 EDO F . 11.38 -10.27 -11.26
C2 EDO F . 9.87 -8.39 -11.96
O2 EDO F . 9.32 -8.61 -10.64
C1 EDO G . 2.99 -25.07 0.54
O1 EDO G . 2.51 -24.93 1.90
C2 EDO G . 1.99 -25.64 -0.46
O2 EDO G . 1.14 -24.61 -1.06
C1 EDO H . 9.59 -0.87 -14.27
O1 EDO H . 9.63 -2.29 -14.48
C2 EDO H . 10.84 -0.26 -14.84
O2 EDO H . 11.97 -0.94 -14.29
C1 EDO I . 2.11 -17.72 7.66
O1 EDO I . 2.39 -16.55 8.43
C2 EDO I . 2.37 -17.51 6.17
O2 EDO I . 3.75 -17.75 5.91
C1 EDO J . 6.24 17.00 8.16
O1 EDO J . 5.13 16.67 8.99
C2 EDO J . 5.78 17.28 6.73
O2 EDO J . 5.02 18.50 6.66
C1 EDO K . -6.26 -5.45 -15.78
O1 EDO K . -5.72 -6.26 -14.73
C2 EDO K . -5.42 -4.19 -15.89
O2 EDO K . -4.04 -4.49 -16.12
C1 EDO L . 3.34 17.13 11.66
O1 EDO L . 2.20 17.70 11.01
C2 EDO L . 2.94 16.65 13.06
O2 EDO L . 1.85 15.72 13.01
C1 EDO M . -5.77 16.12 -5.37
O1 EDO M . -5.24 17.07 -4.43
C2 EDO M . -6.71 16.79 -6.35
O2 EDO M . -7.74 15.89 -6.75
C1 EDO N . 9.48 -5.52 21.27
O1 EDO N . 9.52 -4.11 21.06
C2 EDO N . 8.04 -6.01 21.20
O2 EDO N . 7.99 -7.29 20.59
#